data_1B0H
#
_entry.id   1B0H
#
_cell.length_a   109.961
_cell.length_b   75.459
_cell.length_c   70.584
_cell.angle_alpha   90.00
_cell.angle_beta   90.00
_cell.angle_gamma   90.00
#
_symmetry.space_group_name_H-M   'P 21 21 21'
#
loop_
_entity.id
_entity.type
_entity.pdbx_description
1 polymer 'PERIPLASMIC OLIGOPEPTIDE-BINDING PROTEIN'
2 polymer 'LYS-ALN-LYS PEPTIDE'
3 non-polymer 'URANIUM ATOM'
4 water water
#
loop_
_entity_poly.entity_id
_entity_poly.type
_entity_poly.pdbx_seq_one_letter_code
_entity_poly.pdbx_strand_id
1 'polypeptide(L)'
;ADVPAGVQLADKQTLVRNNGSEVQSLDPHKIEGVPESNVSRDLFEGLLISDVEGHPSPGVAEKWENKDFKVWTFHLRENA
KWSDGTPVTAHDFVYSWQRLADPNTASPYASYLQYGHIANIDDIIAGKKPATDLGVKALDDHTFEVTLSEPVPYFYKLLV
HPSVSPVPKSAVEKFGDKWTQPANIVTNGAYKLKNWVVNERIVLERNPQYWDNAKTVINQVTYLPISSEVTDVNRYRSGE
IDMTYNNMPIELFQKLKKEIPNEVRVDPYLCTYYYEINNQKAPFNDVRVRTALKLALDRDIIVNKVKNQGDLPAYSYTPP
YTDGAKLVEPEWFKWSQQKRNEEAKKLLAEAGFTADKPLTFDLLYNTSDLHKKLAIAVASIWKKNLGVNVNLENQEWKTF
LDTRHQGTFDVARAGWCADYNEPTSFLNTMLSDSSNNTAHYKSPAFDKLIADTLKVADDTQRSELYAKAEQQLDKDSAIV
PVYYYVNARLVKPWVGGYTGKDPLDNIYVKNLYIIKH
;
A
2 'polypeptide(L)' K(ALN)K B
#
loop_
_chem_comp.id
_chem_comp.type
_chem_comp.name
_chem_comp.formula
U1 non-polymer 'URANIUM ATOM' U
#
# COMPACT_ATOMS: atom_id res chain seq x y z
N ALA A 1 -16.19 11.01 -13.78
CA ALA A 1 -16.62 9.75 -14.42
C ALA A 1 -16.96 10.01 -15.89
N ASP A 2 -16.81 8.99 -16.70
CA ASP A 2 -17.20 9.10 -18.12
C ASP A 2 -18.33 8.11 -18.36
N VAL A 3 -19.57 8.54 -18.27
CA VAL A 3 -20.71 7.66 -18.40
C VAL A 3 -20.96 7.34 -19.88
N PRO A 4 -20.92 6.07 -20.25
CA PRO A 4 -21.14 5.63 -21.61
C PRO A 4 -22.50 6.00 -22.16
N ALA A 5 -22.53 6.31 -23.46
CA ALA A 5 -23.75 6.68 -24.16
C ALA A 5 -24.81 5.61 -23.93
N GLY A 6 -26.06 5.99 -23.62
CA GLY A 6 -27.09 4.99 -23.43
C GLY A 6 -27.27 4.42 -22.04
N VAL A 7 -26.30 4.56 -21.13
CA VAL A 7 -26.56 4.00 -19.80
C VAL A 7 -27.51 4.97 -19.12
N GLN A 8 -28.45 4.39 -18.42
CA GLN A 8 -29.47 5.11 -17.66
C GLN A 8 -29.00 5.21 -16.21
N LEU A 9 -28.80 6.43 -15.73
CA LEU A 9 -28.34 6.57 -14.35
C LEU A 9 -29.45 6.46 -13.32
N ALA A 10 -29.11 5.91 -12.15
CA ALA A 10 -30.06 5.90 -11.05
C ALA A 10 -30.32 7.36 -10.66
N ASP A 11 -31.52 7.58 -10.11
CA ASP A 11 -31.84 8.92 -9.60
C ASP A 11 -30.93 9.23 -8.41
N LYS A 12 -30.72 8.27 -7.53
CA LYS A 12 -29.89 8.51 -6.35
C LYS A 12 -28.46 8.01 -6.62
N GLN A 13 -27.50 8.95 -6.53
CA GLN A 13 -26.12 8.58 -6.83
C GLN A 13 -25.34 8.48 -5.52
N THR A 14 -25.52 7.40 -4.79
CA THR A 14 -24.79 7.19 -3.53
C THR A 14 -24.12 5.81 -3.62
N LEU A 15 -23.06 5.65 -2.85
CA LEU A 15 -22.26 4.45 -2.86
C LEU A 15 -21.82 4.10 -1.45
N VAL A 16 -21.78 2.80 -1.19
CA VAL A 16 -21.30 2.32 0.13
C VAL A 16 -20.17 1.32 -0.18
N ARG A 17 -18.96 1.61 0.31
CA ARG A 17 -17.82 0.71 0.11
C ARG A 17 -17.27 0.18 1.41
N ASN A 18 -16.85 -1.11 1.50
CA ASN A 18 -16.26 -1.49 2.76
C ASN A 18 -14.77 -1.13 2.66
N ASN A 19 -14.13 -0.82 3.76
CA ASN A 19 -12.73 -0.33 3.62
C ASN A 19 -11.79 -1.08 4.52
N GLY A 20 -12.21 -2.25 4.99
CA GLY A 20 -11.37 -3.16 5.75
C GLY A 20 -11.09 -2.90 7.18
N SER A 21 -10.92 -1.67 7.62
CA SER A 21 -10.64 -1.33 8.99
C SER A 21 -10.86 0.17 9.19
N GLU A 22 -10.72 0.56 10.45
CA GLU A 22 -10.85 1.99 10.76
C GLU A 22 -9.56 2.65 10.29
N VAL A 23 -9.62 3.77 9.57
CA VAL A 23 -8.39 4.41 9.13
C VAL A 23 -7.51 4.83 10.30
N GLN A 24 -6.21 4.85 10.06
CA GLN A 24 -5.25 5.35 11.02
C GLN A 24 -5.48 6.86 11.26
N SER A 25 -5.72 7.55 10.16
CA SER A 25 -5.81 9.02 10.16
C SER A 25 -6.39 9.46 8.83
N LEU A 26 -6.78 10.75 8.70
CA LEU A 26 -7.13 11.25 7.37
C LEU A 26 -6.04 12.26 6.95
N ASP A 27 -5.00 12.35 7.78
CA ASP A 27 -3.90 13.31 7.42
C ASP A 27 -2.97 12.61 6.48
N PRO A 28 -2.82 13.08 5.23
CA PRO A 28 -1.99 12.43 4.25
C PRO A 28 -0.56 12.14 4.67
N HIS A 29 -0.01 12.89 5.65
CA HIS A 29 1.34 12.64 6.13
C HIS A 29 1.40 11.66 7.29
N LYS A 30 0.25 11.16 7.76
CA LYS A 30 0.32 10.21 8.89
C LYS A 30 -0.24 8.86 8.49
N ILE A 31 -0.41 8.53 7.22
CA ILE A 31 -1.06 7.27 6.83
C ILE A 31 -0.12 6.38 6.03
N GLU A 32 -0.36 5.05 6.13
CA GLU A 32 0.54 4.18 5.35
C GLU A 32 -0.15 2.98 4.74
N GLY A 33 -1.47 2.84 4.87
CA GLY A 33 -2.13 1.63 4.39
C GLY A 33 -3.13 1.86 3.27
N VAL A 34 -3.61 0.70 2.80
CA VAL A 34 -4.63 0.68 1.73
C VAL A 34 -5.91 1.33 2.15
N PRO A 35 -6.44 1.01 3.32
CA PRO A 35 -7.68 1.63 3.80
C PRO A 35 -7.52 3.14 3.88
N GLU A 36 -6.42 3.59 4.46
CA GLU A 36 -6.15 5.04 4.57
C GLU A 36 -6.14 5.71 3.21
N SER A 37 -5.44 5.08 2.25
CA SER A 37 -5.28 5.65 0.90
C SER A 37 -6.57 5.63 0.12
N ASN A 38 -7.40 4.61 0.30
CA ASN A 38 -8.71 4.57 -0.37
C ASN A 38 -9.49 5.86 -0.10
N VAL A 39 -9.57 6.25 1.17
CA VAL A 39 -10.29 7.48 1.53
C VAL A 39 -9.47 8.68 1.06
N SER A 40 -8.14 8.63 1.25
CA SER A 40 -7.31 9.80 0.88
C SER A 40 -7.48 10.23 -0.56
N ARG A 41 -7.66 9.30 -1.50
CA ARG A 41 -7.78 9.66 -2.92
C ARG A 41 -9.05 10.44 -3.22
N ASP A 42 -10.12 10.26 -2.43
CA ASP A 42 -11.34 11.02 -2.65
C ASP A 42 -11.23 12.43 -2.08
N LEU A 43 -10.37 12.64 -1.09
CA LEU A 43 -10.27 13.92 -0.42
C LEU A 43 -9.11 14.82 -0.83
N PHE A 44 -7.91 14.26 -1.01
CA PHE A 44 -6.73 15.05 -1.31
C PHE A 44 -6.17 14.66 -2.68
N GLU A 45 -5.95 15.67 -3.53
CA GLU A 45 -5.43 15.39 -4.89
C GLU A 45 -4.08 16.04 -5.08
N GLY A 46 -3.14 15.20 -5.49
CA GLY A 46 -1.77 15.62 -5.73
C GLY A 46 -1.54 16.12 -7.15
N LEU A 47 -0.27 16.18 -7.52
CA LEU A 47 0.13 16.68 -8.85
C LEU A 47 -0.49 15.85 -9.97
N LEU A 48 -0.38 14.54 -9.86
CA LEU A 48 -0.94 13.61 -10.84
C LEU A 48 -1.90 12.68 -10.10
N ILE A 49 -2.80 12.07 -10.84
CA ILE A 49 -3.70 11.05 -10.31
C ILE A 49 -3.63 9.85 -11.25
N SER A 50 -4.21 8.69 -10.87
CA SER A 50 -4.32 7.60 -11.81
C SER A 50 -5.59 7.78 -12.62
N ASP A 51 -5.61 7.47 -13.91
CA ASP A 51 -6.90 7.47 -14.62
C ASP A 51 -7.63 6.20 -14.21
N VAL A 52 -8.74 5.82 -14.84
CA VAL A 52 -9.48 4.63 -14.46
C VAL A 52 -8.79 3.32 -14.77
N GLU A 53 -7.73 3.31 -15.56
CA GLU A 53 -7.02 2.07 -15.85
C GLU A 53 -5.69 2.11 -15.10
N GLY A 54 -5.45 3.14 -14.28
CA GLY A 54 -4.22 3.22 -13.52
C GLY A 54 -3.08 3.99 -14.15
N HIS A 55 -3.23 4.61 -15.33
CA HIS A 55 -2.10 5.37 -15.89
C HIS A 55 -1.94 6.72 -15.20
N PRO A 56 -0.72 7.10 -14.87
CA PRO A 56 -0.44 8.38 -14.22
C PRO A 56 -1.00 9.44 -15.16
N SER A 57 -1.77 10.39 -14.67
CA SER A 57 -2.45 11.37 -15.48
C SER A 57 -2.57 12.69 -14.73
N PRO A 58 -2.98 13.76 -15.42
CA PRO A 58 -3.09 15.06 -14.78
C PRO A 58 -3.91 15.10 -13.52
N GLY A 59 -3.38 15.68 -12.45
CA GLY A 59 -4.17 15.89 -11.21
C GLY A 59 -4.28 17.42 -11.07
N VAL A 60 -3.69 17.97 -10.00
CA VAL A 60 -3.65 19.45 -9.88
C VAL A 60 -2.77 19.96 -11.04
N ALA A 61 -1.71 19.25 -11.36
CA ALA A 61 -0.86 19.61 -12.50
C ALA A 61 -1.52 19.22 -13.83
N GLU A 62 -1.76 20.22 -14.71
CA GLU A 62 -2.34 19.87 -16.01
C GLU A 62 -1.25 19.44 -16.98
N LYS A 63 -0.01 19.90 -16.81
CA LYS A 63 1.07 19.46 -17.69
C LYS A 63 2.42 19.64 -16.98
N TRP A 64 3.41 18.90 -17.44
CA TRP A 64 4.71 18.93 -16.78
C TRP A 64 5.82 18.57 -17.76
N GLU A 65 7.04 18.99 -17.43
CA GLU A 65 8.22 18.68 -18.20
C GLU A 65 9.33 18.28 -17.23
N ASN A 66 10.36 17.66 -17.79
CA ASN A 66 11.54 17.34 -17.02
C ASN A 66 12.80 17.73 -17.81
N LYS A 67 13.84 18.01 -17.06
CA LYS A 67 15.14 18.31 -17.67
C LYS A 67 16.12 17.27 -17.13
N ASP A 68 16.52 16.34 -18.00
CA ASP A 68 17.44 15.26 -17.70
C ASP A 68 16.93 14.37 -16.56
N PHE A 69 15.60 14.27 -16.38
CA PHE A 69 14.96 13.54 -15.31
C PHE A 69 15.38 13.99 -13.92
N LYS A 70 15.93 15.20 -13.77
CA LYS A 70 16.39 15.70 -12.48
C LYS A 70 15.58 16.92 -12.04
N VAL A 71 15.14 17.76 -13.00
CA VAL A 71 14.37 18.93 -12.63
C VAL A 71 13.00 18.80 -13.31
N TRP A 72 11.98 18.66 -12.47
CA TRP A 72 10.63 18.43 -12.94
C TRP A 72 9.81 19.68 -12.69
N THR A 73 9.14 20.16 -13.73
CA THR A 73 8.32 21.38 -13.60
C THR A 73 6.86 21.08 -13.84
N PHE A 74 6.04 21.41 -12.83
CA PHE A 74 4.63 21.06 -12.90
C PHE A 74 3.78 22.32 -13.07
N HIS A 75 2.99 22.33 -14.13
CA HIS A 75 2.14 23.49 -14.41
C HIS A 75 0.76 23.23 -13.82
N LEU A 76 0.42 23.90 -12.72
CA LEU A 76 -0.82 23.67 -12.03
C LEU A 76 -2.01 24.38 -12.65
N ARG A 77 -3.12 23.67 -12.77
CA ARG A 77 -4.31 24.29 -13.40
C ARG A 77 -4.77 25.46 -12.58
N GLU A 78 -5.13 26.56 -13.27
CA GLU A 78 -5.56 27.79 -12.59
C GLU A 78 -6.83 27.67 -11.79
N ASN A 79 -7.74 26.75 -12.15
CA ASN A 79 -8.98 26.61 -11.39
C ASN A 79 -8.92 25.53 -10.32
N ALA A 80 -7.76 25.03 -9.91
CA ALA A 80 -7.70 24.03 -8.83
C ALA A 80 -8.01 24.77 -7.54
N LYS A 81 -9.01 24.30 -6.78
CA LYS A 81 -9.35 24.95 -5.53
C LYS A 81 -9.56 23.95 -4.39
N TRP A 82 -9.49 24.46 -3.17
CA TRP A 82 -9.82 23.68 -1.97
C TRP A 82 -11.32 23.75 -1.76
N SER A 83 -11.89 22.98 -0.84
CA SER A 83 -13.32 22.97 -0.56
C SER A 83 -13.86 24.25 0.07
N ASP A 84 -12.98 25.15 0.55
CA ASP A 84 -13.45 26.42 1.07
C ASP A 84 -13.42 27.49 -0.04
N GLY A 85 -13.21 27.08 -1.29
CA GLY A 85 -13.15 28.00 -2.39
C GLY A 85 -11.81 28.68 -2.66
N THR A 86 -10.82 28.51 -1.82
CA THR A 86 -9.51 29.14 -2.05
C THR A 86 -8.69 28.34 -3.05
N PRO A 87 -7.79 28.98 -3.78
CA PRO A 87 -6.96 28.34 -4.78
C PRO A 87 -5.99 27.32 -4.23
N VAL A 88 -5.72 26.26 -4.97
CA VAL A 88 -4.64 25.32 -4.62
C VAL A 88 -3.43 25.87 -5.36
N THR A 89 -2.34 26.18 -4.67
CA THR A 89 -1.22 26.79 -5.41
C THR A 89 0.03 25.93 -5.26
N ALA A 90 1.11 26.32 -5.94
CA ALA A 90 2.39 25.65 -5.76
C ALA A 90 2.90 25.85 -4.35
N HIS A 91 2.53 26.94 -3.68
CA HIS A 91 2.93 27.16 -2.28
C HIS A 91 2.38 26.08 -1.35
N ASP A 92 1.17 25.61 -1.68
CA ASP A 92 0.59 24.51 -0.91
C ASP A 92 1.47 23.27 -1.01
N PHE A 93 1.97 22.98 -2.22
CA PHE A 93 2.82 21.81 -2.40
C PHE A 93 4.19 22.00 -1.76
N VAL A 94 4.71 23.24 -1.74
CA VAL A 94 5.99 23.46 -1.06
C VAL A 94 5.85 23.17 0.41
N TYR A 95 4.85 23.76 1.05
CA TYR A 95 4.65 23.56 2.49
C TYR A 95 4.45 22.06 2.75
N SER A 96 3.59 21.45 1.93
CA SER A 96 3.25 20.03 2.19
C SER A 96 4.41 19.07 2.07
N TRP A 97 5.23 19.16 1.02
CA TRP A 97 6.40 18.30 0.92
C TRP A 97 7.41 18.65 2.00
N GLN A 98 7.53 19.92 2.41
CA GLN A 98 8.44 20.20 3.54
C GLN A 98 7.94 19.52 4.81
N ARG A 99 6.63 19.57 5.08
CA ARG A 99 6.02 18.98 6.26
C ARG A 99 6.23 17.45 6.26
N LEU A 100 6.06 16.83 5.09
CA LEU A 100 6.36 15.40 4.97
C LEU A 100 7.81 15.12 5.32
N ALA A 101 8.77 15.93 4.86
CA ALA A 101 10.17 15.67 5.13
C ALA A 101 10.61 15.94 6.57
N ASP A 102 9.99 16.90 7.22
CA ASP A 102 10.36 17.37 8.55
C ASP A 102 10.27 16.26 9.58
N PRO A 103 11.35 15.96 10.29
CA PRO A 103 11.35 14.94 11.34
C PRO A 103 10.33 15.22 12.44
N ASN A 104 10.01 16.49 12.69
CA ASN A 104 8.97 16.81 13.67
C ASN A 104 7.61 16.25 13.30
N THR A 105 7.34 16.08 12.00
CA THR A 105 6.07 15.45 11.61
C THR A 105 6.08 13.96 11.93
N ALA A 106 7.27 13.35 11.91
CA ALA A 106 7.41 11.93 12.15
C ALA A 106 6.53 11.15 11.17
N SER A 107 6.51 11.52 9.87
CA SER A 107 5.66 10.77 8.94
C SER A 107 6.23 9.37 8.76
N PRO A 108 5.34 8.37 8.74
CA PRO A 108 5.75 7.01 8.47
C PRO A 108 6.18 6.86 7.00
N TYR A 109 5.83 7.84 6.17
CA TYR A 109 6.19 7.87 4.77
C TYR A 109 7.22 8.95 4.46
N ALA A 110 7.99 9.42 5.45
CA ALA A 110 9.04 10.41 5.15
C ALA A 110 10.01 9.93 4.10
N SER A 111 10.36 8.62 4.04
CA SER A 111 11.27 8.11 3.05
C SER A 111 10.75 8.12 1.63
N TYR A 112 9.48 8.48 1.37
CA TYR A 112 8.96 8.56 0.00
C TYR A 112 9.76 9.64 -0.75
N LEU A 113 10.16 10.70 -0.04
CA LEU A 113 11.02 11.72 -0.66
C LEU A 113 12.44 11.25 -0.92
N GLN A 114 12.90 10.23 -0.20
CA GLN A 114 14.18 9.60 -0.52
C GLN A 114 14.02 8.72 -1.75
N TYR A 115 12.89 8.00 -1.85
CA TYR A 115 12.68 7.15 -3.02
C TYR A 115 12.69 8.00 -4.29
N GLY A 116 12.13 9.23 -4.22
CA GLY A 116 12.19 10.06 -5.44
C GLY A 116 13.49 10.88 -5.52
N HIS A 117 14.33 10.84 -4.50
CA HIS A 117 15.60 11.57 -4.45
C HIS A 117 15.47 13.07 -4.51
N ILE A 118 14.45 13.62 -3.85
CA ILE A 118 14.33 15.10 -3.85
C ILE A 118 15.60 15.64 -3.20
N ALA A 119 16.15 16.74 -3.71
CA ALA A 119 17.39 17.27 -3.16
C ALA A 119 17.35 17.57 -1.67
N ASN A 120 18.45 17.26 -0.99
CA ASN A 120 18.63 17.49 0.44
C ASN A 120 17.79 16.67 1.40
N ILE A 121 17.03 15.67 0.93
CA ILE A 121 16.13 14.94 1.84
C ILE A 121 16.86 14.18 2.94
N ASP A 122 18.00 13.55 2.62
CA ASP A 122 18.70 12.77 3.64
C ASP A 122 19.09 13.61 4.85
N ASP A 123 19.70 14.76 4.61
CA ASP A 123 20.11 15.67 5.67
C ASP A 123 18.93 16.21 6.45
N ILE A 124 17.80 16.40 5.76
CA ILE A 124 16.60 16.90 6.43
C ILE A 124 16.07 15.84 7.37
N ILE A 125 16.00 14.60 6.87
CA ILE A 125 15.50 13.54 7.74
C ILE A 125 16.38 13.39 8.96
N ALA A 126 17.68 13.49 8.77
CA ALA A 126 18.67 13.40 9.87
C ALA A 126 18.72 14.63 10.77
N GLY A 127 17.99 15.71 10.50
CA GLY A 127 17.99 16.92 11.30
C GLY A 127 19.22 17.80 11.10
N LYS A 128 19.97 17.55 10.04
CA LYS A 128 21.18 18.30 9.71
C LYS A 128 20.88 19.58 8.96
N LYS A 129 19.76 19.60 8.23
CA LYS A 129 19.31 20.79 7.52
C LYS A 129 17.84 20.98 7.83
N PRO A 130 17.37 22.21 7.80
CA PRO A 130 15.98 22.52 8.02
C PRO A 130 15.13 22.01 6.84
N ALA A 131 13.85 21.70 7.06
CA ALA A 131 12.95 21.23 6.01
C ALA A 131 12.81 22.22 4.87
N THR A 132 13.00 23.51 5.15
CA THR A 132 12.99 24.56 4.12
C THR A 132 14.12 24.43 3.13
N ASP A 133 15.11 23.57 3.35
CA ASP A 133 16.16 23.34 2.38
C ASP A 133 15.72 22.30 1.34
N LEU A 134 14.54 21.69 1.46
CA LEU A 134 14.15 20.65 0.50
C LEU A 134 14.13 21.18 -0.94
N GLY A 135 14.49 20.33 -1.89
CA GLY A 135 14.58 20.72 -3.30
C GLY A 135 13.25 20.90 -4.00
N VAL A 136 12.37 21.71 -3.43
CA VAL A 136 11.11 22.08 -4.04
C VAL A 136 10.98 23.61 -4.02
N LYS A 137 10.38 24.19 -5.05
CA LYS A 137 10.10 25.63 -4.96
C LYS A 137 8.86 25.97 -5.79
N ALA A 138 8.17 27.04 -5.43
CA ALA A 138 7.04 27.52 -6.22
C ALA A 138 7.63 28.64 -7.11
N LEU A 139 7.58 28.48 -8.43
CA LEU A 139 8.16 29.52 -9.30
C LEU A 139 7.17 30.67 -9.42
N ASP A 140 5.90 30.33 -9.20
CA ASP A 140 4.80 31.26 -9.12
C ASP A 140 3.64 30.49 -8.47
N ASP A 141 2.49 31.12 -8.36
CA ASP A 141 1.34 30.45 -7.75
C ASP A 141 0.99 29.16 -8.50
N HIS A 142 1.22 29.06 -9.82
CA HIS A 142 0.77 27.86 -10.52
C HIS A 142 1.89 27.02 -11.07
N THR A 143 3.10 27.13 -10.49
CA THR A 143 4.22 26.37 -11.05
C THR A 143 5.07 25.81 -9.91
N PHE A 144 5.12 24.48 -9.82
CA PHE A 144 5.83 23.79 -8.77
C PHE A 144 7.02 23.08 -9.39
N GLU A 145 8.24 23.40 -8.93
CA GLU A 145 9.46 22.85 -9.49
C GLU A 145 10.17 21.94 -8.49
N VAL A 146 10.46 20.73 -8.93
CA VAL A 146 11.12 19.76 -8.05
C VAL A 146 12.50 19.46 -8.60
N THR A 147 13.49 19.51 -7.72
CA THR A 147 14.87 19.25 -8.11
C THR A 147 15.37 17.98 -7.41
N LEU A 148 15.76 17.00 -8.20
CA LEU A 148 16.25 15.74 -7.61
C LEU A 148 17.78 15.74 -7.58
N SER A 149 18.35 14.89 -6.73
CA SER A 149 19.81 14.80 -6.66
C SER A 149 20.43 13.90 -7.72
N GLU A 150 19.63 13.17 -8.49
CA GLU A 150 20.11 12.31 -9.58
C GLU A 150 18.92 11.99 -10.47
N PRO A 151 19.15 11.63 -11.73
CA PRO A 151 18.08 11.37 -12.67
C PRO A 151 17.19 10.24 -12.18
N VAL A 152 15.88 10.44 -12.24
CA VAL A 152 14.89 9.42 -11.84
C VAL A 152 13.83 9.42 -12.93
N PRO A 153 13.94 8.57 -13.94
CA PRO A 153 13.06 8.61 -15.09
C PRO A 153 11.62 8.31 -14.77
N TYR A 154 11.37 7.52 -13.72
CA TYR A 154 10.00 7.20 -13.32
C TYR A 154 9.47 8.10 -12.23
N PHE A 155 10.13 9.22 -11.93
CA PHE A 155 9.74 10.06 -10.82
C PHE A 155 8.24 10.36 -10.83
N TYR A 156 7.71 10.82 -11.97
CA TYR A 156 6.31 11.19 -12.07
C TYR A 156 5.35 10.08 -11.64
N LYS A 157 5.70 8.81 -11.77
CA LYS A 157 4.85 7.70 -11.36
C LYS A 157 4.62 7.71 -9.85
N LEU A 158 5.58 8.23 -9.08
CA LEU A 158 5.43 8.27 -7.62
C LEU A 158 4.34 9.23 -7.17
N LEU A 159 4.01 10.21 -7.99
CA LEU A 159 3.20 11.33 -7.60
C LEU A 159 1.72 11.09 -7.39
N VAL A 160 1.22 9.89 -7.69
CA VAL A 160 -0.20 9.66 -7.32
C VAL A 160 -0.37 9.26 -5.85
N HIS A 161 0.64 9.13 -5.03
CA HIS A 161 0.55 8.59 -3.65
C HIS A 161 0.09 9.61 -2.64
N PRO A 162 -0.62 9.25 -1.58
CA PRO A 162 -1.17 10.20 -0.63
C PRO A 162 -0.12 11.04 0.08
N SER A 163 1.07 10.47 0.29
CA SER A 163 2.08 11.25 1.02
C SER A 163 2.46 12.53 0.30
N VAL A 164 2.39 12.61 -1.01
CA VAL A 164 2.71 13.81 -1.77
C VAL A 164 1.47 14.60 -2.20
N SER A 165 0.32 14.35 -1.55
CA SER A 165 -0.85 15.24 -1.75
C SER A 165 -0.68 16.51 -0.89
N PRO A 166 -1.36 17.61 -1.22
CA PRO A 166 -1.25 18.82 -0.46
C PRO A 166 -2.13 18.78 0.78
N VAL A 167 -1.71 19.45 1.84
CA VAL A 167 -2.49 19.63 3.04
C VAL A 167 -2.66 21.15 3.24
N PRO A 168 -3.75 21.54 3.88
CA PRO A 168 -4.04 22.98 4.08
C PRO A 168 -3.34 23.52 5.32
N LYS A 169 -2.27 24.28 5.13
CA LYS A 169 -1.46 24.84 6.19
C LYS A 169 -2.27 25.54 7.27
N SER A 170 -3.18 26.44 6.85
CA SER A 170 -3.92 27.20 7.86
C SER A 170 -4.72 26.31 8.78
N ALA A 171 -5.35 25.24 8.30
CA ALA A 171 -6.12 24.33 9.13
C ALA A 171 -5.19 23.51 10.02
N VAL A 172 -4.09 23.02 9.42
CA VAL A 172 -3.14 22.23 10.21
C VAL A 172 -2.64 23.08 11.39
N GLU A 173 -2.25 24.32 11.08
CA GLU A 173 -1.69 25.20 12.10
C GLU A 173 -2.67 25.62 13.17
N LYS A 174 -3.91 25.90 12.80
CA LYS A 174 -4.91 26.33 13.76
C LYS A 174 -5.47 25.20 14.59
N PHE A 175 -5.69 24.00 14.03
CA PHE A 175 -6.30 22.92 14.79
C PHE A 175 -5.43 21.75 15.20
N GLY A 176 -4.17 21.69 14.80
CA GLY A 176 -3.28 20.61 15.18
C GLY A 176 -3.82 19.27 14.71
N ASP A 177 -3.77 18.21 15.54
CA ASP A 177 -4.32 16.91 15.10
C ASP A 177 -5.81 16.86 14.88
N LYS A 178 -6.59 17.84 15.33
CA LYS A 178 -8.00 17.90 15.03
C LYS A 178 -8.31 18.62 13.71
N TRP A 179 -7.31 18.93 12.88
CA TRP A 179 -7.58 19.58 11.59
C TRP A 179 -8.41 18.70 10.67
N THR A 180 -8.37 17.37 10.87
CA THR A 180 -9.14 16.49 9.98
C THR A 180 -10.58 16.30 10.43
N GLN A 181 -11.03 16.87 11.54
CA GLN A 181 -12.44 16.72 11.93
C GLN A 181 -13.31 17.44 10.90
N PRO A 182 -14.54 16.98 10.69
CA PRO A 182 -15.45 17.52 9.70
C PRO A 182 -15.61 19.02 9.79
N ALA A 183 -15.65 19.63 10.98
CA ALA A 183 -15.83 21.08 11.08
C ALA A 183 -14.59 21.87 10.70
N ASN A 184 -13.40 21.25 10.77
CA ASN A 184 -12.18 21.95 10.49
C ASN A 184 -11.47 21.66 9.18
N ILE A 185 -11.67 20.44 8.68
CA ILE A 185 -10.92 20.00 7.50
C ILE A 185 -11.23 20.76 6.23
N VAL A 186 -10.22 20.86 5.35
CA VAL A 186 -10.35 21.49 4.05
C VAL A 186 -9.77 20.53 3.03
N THR A 187 -10.47 20.19 1.94
CA THR A 187 -9.97 19.19 1.02
C THR A 187 -9.94 19.67 -0.42
N ASN A 188 -9.10 19.04 -1.27
CA ASN A 188 -9.07 19.54 -2.65
C ASN A 188 -9.40 18.45 -3.68
N GLY A 189 -9.80 17.28 -3.17
CA GLY A 189 -10.19 16.21 -4.07
C GLY A 189 -11.64 16.38 -4.50
N ALA A 190 -12.20 15.31 -5.11
CA ALA A 190 -13.58 15.42 -5.59
C ALA A 190 -14.62 15.44 -4.50
N TYR A 191 -14.30 15.06 -3.27
CA TYR A 191 -15.19 14.91 -2.14
C TYR A 191 -14.71 15.73 -0.94
N LYS A 192 -15.63 15.91 0.00
CA LYS A 192 -15.37 16.62 1.24
C LYS A 192 -15.80 15.68 2.38
N LEU A 193 -15.26 15.89 3.57
CA LEU A 193 -15.65 14.99 4.67
C LEU A 193 -16.97 15.46 5.28
N LYS A 194 -17.99 14.63 5.32
CA LYS A 194 -19.25 15.00 5.96
C LYS A 194 -19.33 14.50 7.38
N ASN A 195 -19.09 13.20 7.60
CA ASN A 195 -19.21 12.57 8.91
C ASN A 195 -18.09 11.53 9.14
N TRP A 196 -17.64 11.47 10.37
CA TRP A 196 -16.60 10.52 10.75
C TRP A 196 -16.96 9.98 12.16
N VAL A 197 -17.51 8.78 12.16
CA VAL A 197 -17.90 8.07 13.37
C VAL A 197 -16.92 6.87 13.48
N VAL A 198 -15.97 6.98 14.39
CA VAL A 198 -14.91 5.96 14.51
C VAL A 198 -15.51 4.59 14.71
N ASN A 199 -15.07 3.60 13.94
CA ASN A 199 -15.55 2.23 13.98
C ASN A 199 -17.00 2.08 13.52
N GLU A 200 -17.52 3.08 12.77
CA GLU A 200 -18.87 2.92 12.25
C GLU A 200 -18.91 3.28 10.77
N ARG A 201 -18.52 4.54 10.46
CA ARG A 201 -18.51 4.93 9.06
C ARG A 201 -17.82 6.26 8.83
N ILE A 202 -17.36 6.44 7.59
CA ILE A 202 -16.85 7.72 7.11
C ILE A 202 -17.76 8.10 5.94
N VAL A 203 -18.38 9.28 5.99
CA VAL A 203 -19.27 9.65 4.89
C VAL A 203 -18.70 10.90 4.21
N LEU A 204 -18.50 10.82 2.90
CA LEU A 204 -17.97 11.89 2.10
C LEU A 204 -19.06 12.42 1.15
N GLU A 205 -19.02 13.72 0.93
CA GLU A 205 -20.01 14.30 0.01
C GLU A 205 -19.23 15.08 -1.06
N ARG A 206 -19.89 15.17 -2.20
CA ARG A 206 -19.30 15.89 -3.33
C ARG A 206 -18.74 17.25 -2.98
N ASN A 207 -17.55 17.60 -3.47
CA ASN A 207 -16.91 18.89 -3.22
C ASN A 207 -17.20 19.72 -4.47
N PRO A 208 -18.08 20.70 -4.39
CA PRO A 208 -18.45 21.51 -5.56
C PRO A 208 -17.33 22.42 -6.04
N GLN A 209 -16.32 22.63 -5.19
CA GLN A 209 -15.19 23.46 -5.60
C GLN A 209 -14.17 22.66 -6.39
N TYR A 210 -14.23 21.32 -6.40
CA TYR A 210 -13.28 20.51 -7.16
C TYR A 210 -13.27 20.97 -8.61
N TRP A 211 -12.10 21.16 -9.21
CA TRP A 211 -11.99 21.63 -10.58
C TRP A 211 -12.73 20.77 -11.59
N ASP A 212 -12.75 19.46 -11.39
CA ASP A 212 -13.45 18.58 -12.33
C ASP A 212 -14.82 18.15 -11.84
N ASN A 213 -15.43 18.93 -10.95
CA ASN A 213 -16.71 18.63 -10.34
C ASN A 213 -17.81 18.34 -11.34
N ALA A 214 -17.84 18.99 -12.50
CA ALA A 214 -18.87 18.68 -13.50
C ALA A 214 -18.82 17.22 -13.95
N LYS A 215 -17.68 16.52 -13.93
CA LYS A 215 -17.67 15.10 -14.30
C LYS A 215 -17.95 14.15 -13.14
N THR A 216 -17.97 14.64 -11.93
CA THR A 216 -18.29 13.80 -10.76
C THR A 216 -19.76 13.40 -10.76
N VAL A 217 -20.06 12.14 -10.54
CA VAL A 217 -21.45 11.64 -10.58
C VAL A 217 -21.96 11.24 -9.22
N ILE A 218 -21.13 10.48 -8.48
CA ILE A 218 -21.60 10.03 -7.16
C ILE A 218 -21.68 11.21 -6.18
N ASN A 219 -22.83 11.44 -5.53
CA ASN A 219 -22.95 12.58 -4.63
C ASN A 219 -22.49 12.32 -3.22
N GLN A 220 -22.51 11.06 -2.80
CA GLN A 220 -22.15 10.68 -1.44
C GLN A 220 -21.58 9.27 -1.43
N VAL A 221 -20.44 9.12 -0.75
CA VAL A 221 -19.92 7.75 -0.64
C VAL A 221 -19.66 7.51 0.84
N THR A 222 -19.96 6.32 1.34
CA THR A 222 -19.70 5.94 2.72
C THR A 222 -18.61 4.87 2.72
N TYR A 223 -17.65 5.02 3.62
CA TYR A 223 -16.63 3.97 3.76
C TYR A 223 -16.89 3.32 5.12
N LEU A 224 -16.99 2.01 5.18
CA LEU A 224 -17.16 1.28 6.41
C LEU A 224 -15.83 0.63 6.82
N PRO A 225 -15.67 0.40 8.11
CA PRO A 225 -14.47 -0.16 8.70
C PRO A 225 -14.60 -1.61 9.14
N ILE A 226 -15.21 -2.45 8.31
CA ILE A 226 -15.49 -3.85 8.71
C ILE A 226 -14.32 -4.76 8.38
N SER A 227 -13.66 -5.30 9.39
CA SER A 227 -12.48 -6.12 9.17
C SER A 227 -12.82 -7.59 8.98
N SER A 228 -14.05 -7.99 9.27
CA SER A 228 -14.46 -9.38 9.02
C SER A 228 -14.91 -9.46 7.56
N GLU A 229 -14.16 -10.17 6.71
CA GLU A 229 -14.55 -10.33 5.31
C GLU A 229 -15.88 -11.09 5.16
N VAL A 230 -16.18 -12.01 6.07
CA VAL A 230 -17.48 -12.71 6.06
C VAL A 230 -18.61 -11.70 6.26
N THR A 231 -18.45 -10.82 7.24
CA THR A 231 -19.47 -9.78 7.50
C THR A 231 -19.61 -8.86 6.30
N ASP A 232 -18.45 -8.51 5.71
CA ASP A 232 -18.47 -7.62 4.54
C ASP A 232 -19.31 -8.24 3.44
N VAL A 233 -19.01 -9.48 3.06
CA VAL A 233 -19.82 -10.21 2.09
C VAL A 233 -21.28 -10.28 2.55
N ASN A 234 -21.56 -10.56 3.82
CA ASN A 234 -22.96 -10.64 4.27
C ASN A 234 -23.66 -9.30 4.06
N ARG A 235 -23.02 -8.18 4.41
CA ARG A 235 -23.71 -6.87 4.28
C ARG A 235 -23.78 -6.42 2.83
N TYR A 236 -22.91 -6.97 1.99
CA TYR A 236 -23.01 -6.75 0.55
C TYR A 236 -24.23 -7.53 0.04
N ARG A 237 -24.36 -8.81 0.41
CA ARG A 237 -25.48 -9.60 -0.13
C ARG A 237 -26.82 -9.20 0.43
N SER A 238 -26.85 -8.53 1.57
CA SER A 238 -28.09 -8.04 2.14
C SER A 238 -28.52 -6.75 1.46
N GLY A 239 -27.63 -6.14 0.65
CA GLY A 239 -28.00 -4.90 -0.02
C GLY A 239 -27.38 -3.67 0.63
N GLU A 240 -26.75 -3.72 1.79
CA GLU A 240 -26.20 -2.50 2.40
C GLU A 240 -24.94 -2.00 1.69
N ILE A 241 -24.07 -2.92 1.27
CA ILE A 241 -22.77 -2.60 0.69
C ILE A 241 -22.76 -2.82 -0.82
N ASP A 242 -22.25 -1.83 -1.56
CA ASP A 242 -22.18 -1.87 -3.01
C ASP A 242 -20.87 -2.45 -3.53
N MET A 243 -19.80 -2.24 -2.78
CA MET A 243 -18.49 -2.78 -3.19
C MET A 243 -17.77 -3.28 -1.94
N THR A 244 -17.42 -4.55 -1.86
CA THR A 244 -16.76 -5.02 -0.65
C THR A 244 -15.31 -4.50 -0.69
N TYR A 245 -14.64 -4.67 0.45
CA TYR A 245 -13.22 -4.44 0.53
C TYR A 245 -12.60 -5.59 -0.28
N ASN A 246 -11.33 -5.52 -0.62
CA ASN A 246 -10.72 -6.56 -1.45
C ASN A 246 -9.74 -7.39 -0.64
N ASN A 247 -10.30 -8.15 0.24
CA ASN A 247 -9.81 -9.20 1.09
C ASN A 247 -11.05 -10.14 1.15
N MET A 248 -10.90 -11.35 0.65
CA MET A 248 -12.09 -12.23 0.62
C MET A 248 -12.05 -13.37 1.65
N PRO A 249 -13.19 -13.74 2.24
CA PRO A 249 -13.25 -14.77 3.24
C PRO A 249 -13.05 -16.18 2.69
N ILE A 250 -12.43 -17.02 3.51
CA ILE A 250 -12.22 -18.42 3.15
C ILE A 250 -13.55 -19.16 3.30
N GLU A 251 -14.36 -18.75 4.26
CA GLU A 251 -15.66 -19.35 4.48
C GLU A 251 -16.57 -19.40 3.26
N LEU A 252 -16.80 -18.24 2.65
CA LEU A 252 -17.78 -18.11 1.59
C LEU A 252 -17.31 -18.03 0.15
N PHE A 253 -16.08 -17.64 -0.14
CA PHE A 253 -15.58 -17.42 -1.48
C PHE A 253 -15.90 -18.47 -2.53
N GLN A 254 -15.63 -19.75 -2.24
CA GLN A 254 -15.97 -20.76 -3.25
C GLN A 254 -17.43 -20.58 -3.62
N LYS A 255 -18.32 -20.61 -2.62
CA LYS A 255 -19.75 -20.44 -2.81
C LYS A 255 -20.07 -19.23 -3.70
N LEU A 256 -19.49 -18.06 -3.46
CA LEU A 256 -19.72 -16.86 -4.24
C LEU A 256 -19.47 -16.91 -5.73
N LYS A 257 -18.35 -17.54 -6.13
CA LYS A 257 -18.08 -17.68 -7.55
C LYS A 257 -19.18 -18.47 -8.27
N LYS A 258 -19.76 -19.45 -7.58
CA LYS A 258 -20.83 -20.25 -8.17
C LYS A 258 -22.16 -19.52 -8.06
N GLU A 259 -22.38 -18.78 -6.97
CA GLU A 259 -23.67 -18.11 -6.80
C GLU A 259 -23.79 -16.82 -7.58
N ILE A 260 -22.79 -15.93 -7.59
CA ILE A 260 -22.91 -14.66 -8.30
C ILE A 260 -21.68 -14.33 -9.13
N PRO A 261 -21.41 -15.09 -10.18
CA PRO A 261 -20.23 -14.99 -11.00
C PRO A 261 -19.90 -13.63 -11.57
N ASN A 262 -20.86 -12.93 -12.10
CA ASN A 262 -20.67 -11.60 -12.66
C ASN A 262 -20.39 -10.53 -11.60
N GLU A 263 -20.58 -10.81 -10.32
CA GLU A 263 -20.30 -9.80 -9.30
C GLU A 263 -18.92 -9.96 -8.70
N VAL A 264 -18.28 -11.10 -8.94
CA VAL A 264 -16.97 -11.39 -8.38
C VAL A 264 -15.88 -10.89 -9.33
N ARG A 265 -15.20 -9.82 -8.96
CA ARG A 265 -14.15 -9.24 -9.79
C ARG A 265 -12.81 -9.79 -9.32
N VAL A 266 -12.02 -10.33 -10.26
CA VAL A 266 -10.73 -10.92 -9.89
C VAL A 266 -9.70 -10.36 -10.88
N ASP A 267 -8.83 -9.46 -10.45
CA ASP A 267 -7.86 -8.85 -11.38
C ASP A 267 -6.46 -8.82 -10.80
N PRO A 268 -5.46 -8.62 -11.66
CA PRO A 268 -4.07 -8.60 -11.21
C PRO A 268 -3.86 -7.49 -10.18
N TYR A 269 -2.92 -7.70 -9.28
CA TYR A 269 -2.74 -6.75 -8.15
C TYR A 269 -1.28 -6.83 -7.71
N LEU A 270 -0.62 -5.67 -7.70
CA LEU A 270 0.81 -5.71 -7.32
C LEU A 270 1.01 -5.68 -5.82
N CYS A 271 0.66 -6.80 -5.17
CA CYS A 271 0.86 -6.86 -3.72
C CYS A 271 1.38 -8.26 -3.37
N THR A 272 2.13 -8.33 -2.30
CA THR A 272 2.69 -9.62 -1.91
C THR A 272 2.30 -9.92 -0.47
N TYR A 273 1.76 -11.10 -0.21
CA TYR A 273 1.41 -11.55 1.14
C TYR A 273 2.61 -12.36 1.66
N TYR A 274 3.08 -12.04 2.86
CA TYR A 274 4.24 -12.70 3.42
C TYR A 274 4.23 -12.64 4.94
N TYR A 275 5.10 -13.44 5.58
CA TYR A 275 5.22 -13.31 7.03
C TYR A 275 6.49 -12.50 7.27
N GLU A 276 6.34 -11.30 7.82
CA GLU A 276 7.44 -10.41 8.12
C GLU A 276 8.15 -10.83 9.42
N ILE A 277 9.45 -11.07 9.31
CA ILE A 277 10.25 -11.46 10.48
C ILE A 277 10.92 -10.24 11.05
N ASN A 278 10.94 -10.13 12.38
CA ASN A 278 11.64 -9.00 13.01
C ASN A 278 13.11 -9.37 12.97
N ASN A 279 13.87 -8.86 12.00
CA ASN A 279 15.24 -9.29 11.81
C ASN A 279 16.20 -8.83 12.89
N GLN A 280 15.83 -7.90 13.73
CA GLN A 280 16.77 -7.38 14.73
C GLN A 280 16.58 -8.03 16.09
N LYS A 281 15.71 -9.00 16.27
CA LYS A 281 15.53 -9.59 17.59
C LYS A 281 15.84 -11.08 17.61
N ALA A 282 16.78 -11.49 18.48
CA ALA A 282 17.06 -12.92 18.59
C ALA A 282 15.79 -13.64 18.99
N PRO A 283 15.58 -14.87 18.54
CA PRO A 283 16.49 -15.60 17.71
C PRO A 283 16.28 -15.37 16.21
N PHE A 284 15.49 -14.35 15.85
CA PHE A 284 15.20 -14.11 14.44
C PHE A 284 16.33 -13.38 13.74
N ASN A 285 17.39 -13.03 14.45
CA ASN A 285 18.56 -12.43 13.85
C ASN A 285 19.53 -13.53 13.38
N ASP A 286 19.11 -14.78 13.47
CA ASP A 286 19.93 -15.90 12.97
C ASP A 286 19.37 -16.27 11.62
N VAL A 287 20.16 -16.18 10.55
CA VAL A 287 19.66 -16.54 9.21
C VAL A 287 19.15 -17.95 9.14
N ARG A 288 19.72 -18.90 9.90
CA ARG A 288 19.26 -20.29 9.86
C ARG A 288 17.80 -20.41 10.28
N VAL A 289 17.42 -19.70 11.33
CA VAL A 289 16.04 -19.74 11.81
C VAL A 289 15.08 -19.16 10.77
N ARG A 290 15.49 -18.02 10.20
CA ARG A 290 14.64 -17.36 9.20
C ARG A 290 14.45 -18.26 7.99
N THR A 291 15.55 -18.88 7.52
CA THR A 291 15.48 -19.80 6.38
C THR A 291 14.59 -20.99 6.67
N ALA A 292 14.70 -21.54 7.90
CA ALA A 292 13.89 -22.69 8.28
C ALA A 292 12.41 -22.35 8.17
N LEU A 293 12.03 -21.16 8.66
CA LEU A 293 10.63 -20.77 8.59
C LEU A 293 10.20 -20.55 7.15
N LYS A 294 11.04 -19.93 6.35
CA LYS A 294 10.70 -19.70 4.94
C LYS A 294 10.49 -20.99 4.17
N LEU A 295 11.40 -21.97 4.39
CA LEU A 295 11.31 -23.23 3.68
C LEU A 295 10.23 -24.20 4.17
N ALA A 296 9.99 -24.27 5.49
CA ALA A 296 9.02 -25.21 6.03
C ALA A 296 7.60 -24.77 5.78
N LEU A 297 7.37 -23.48 5.43
CA LEU A 297 5.97 -23.12 5.12
C LEU A 297 5.63 -23.80 3.79
N ASP A 298 4.50 -24.50 3.70
CA ASP A 298 4.08 -25.16 2.46
C ASP A 298 3.12 -24.25 1.70
N ARG A 299 3.62 -23.51 0.72
CA ARG A 299 2.80 -22.59 -0.07
C ARG A 299 1.70 -23.26 -0.89
N ASP A 300 1.95 -24.46 -1.39
CA ASP A 300 0.92 -25.17 -2.17
C ASP A 300 -0.29 -25.46 -1.30
N ILE A 301 -0.11 -25.83 -0.05
CA ILE A 301 -1.25 -26.06 0.84
C ILE A 301 -2.01 -24.76 1.09
N ILE A 302 -1.29 -23.72 1.50
CA ILE A 302 -1.95 -22.44 1.79
C ILE A 302 -2.65 -21.84 0.60
N VAL A 303 -1.85 -21.61 -0.43
CA VAL A 303 -2.33 -20.94 -1.62
C VAL A 303 -3.38 -21.74 -2.37
N ASN A 304 -3.15 -23.04 -2.55
CA ASN A 304 -4.10 -23.85 -3.29
C ASN A 304 -5.08 -24.65 -2.46
N LYS A 305 -4.77 -25.00 -1.22
CA LYS A 305 -5.72 -25.80 -0.46
C LYS A 305 -6.50 -25.02 0.58
N VAL A 306 -5.87 -24.20 1.43
CA VAL A 306 -6.65 -23.51 2.46
C VAL A 306 -7.24 -22.21 1.97
N LYS A 307 -6.59 -21.51 1.06
CA LYS A 307 -7.09 -20.22 0.56
C LYS A 307 -7.76 -20.37 -0.79
N ASN A 308 -7.03 -20.85 -1.79
CA ASN A 308 -7.53 -21.11 -3.13
C ASN A 308 -8.39 -20.04 -3.78
N GLN A 309 -7.91 -18.80 -3.87
CA GLN A 309 -8.70 -17.72 -4.46
C GLN A 309 -8.09 -17.12 -5.72
N GLY A 310 -7.09 -17.79 -6.29
CA GLY A 310 -6.40 -17.33 -7.49
C GLY A 310 -5.00 -16.79 -7.22
N ASP A 311 -4.54 -16.85 -5.96
CA ASP A 311 -3.21 -16.37 -5.62
C ASP A 311 -2.11 -17.30 -6.14
N LEU A 312 -0.94 -16.72 -6.39
CA LEU A 312 0.18 -17.54 -6.89
C LEU A 312 1.22 -17.66 -5.80
N PRO A 313 1.75 -18.86 -5.62
CA PRO A 313 2.77 -19.05 -4.58
C PRO A 313 3.92 -18.11 -4.83
N ALA A 314 4.44 -17.48 -3.78
CA ALA A 314 5.51 -16.49 -3.92
C ALA A 314 6.88 -16.96 -3.47
N TYR A 315 7.90 -16.45 -4.14
CA TYR A 315 9.29 -16.78 -3.81
C TYR A 315 10.11 -15.52 -3.68
N SER A 316 9.43 -14.37 -3.82
CA SER A 316 10.13 -13.07 -3.74
C SER A 316 9.26 -12.03 -3.01
N TYR A 317 9.80 -10.83 -2.87
CA TYR A 317 9.07 -9.72 -2.24
C TYR A 317 8.36 -8.94 -3.34
N THR A 318 9.13 -8.39 -4.26
CA THR A 318 8.59 -7.71 -5.43
C THR A 318 7.82 -8.73 -6.29
N PRO A 319 6.59 -8.47 -6.65
CA PRO A 319 5.84 -9.37 -7.50
C PRO A 319 6.54 -9.45 -8.86
N PRO A 320 6.61 -10.66 -9.43
CA PRO A 320 7.32 -10.86 -10.67
C PRO A 320 6.71 -10.16 -11.87
N TYR A 321 5.48 -9.71 -11.77
CA TYR A 321 4.80 -9.04 -12.87
C TYR A 321 4.80 -7.52 -12.72
N THR A 322 5.58 -7.05 -11.74
CA THR A 322 5.80 -5.60 -11.60
C THR A 322 6.51 -5.15 -12.87
N ASP A 323 6.21 -3.99 -13.40
CA ASP A 323 6.89 -3.46 -14.58
C ASP A 323 8.37 -3.29 -14.25
N GLY A 324 9.26 -4.02 -14.92
CA GLY A 324 10.70 -3.86 -14.67
C GLY A 324 11.26 -5.05 -13.91
N ALA A 325 10.37 -5.99 -13.49
CA ALA A 325 10.81 -7.14 -12.75
C ALA A 325 11.12 -8.31 -13.71
N LYS A 326 12.34 -8.80 -13.57
CA LYS A 326 12.85 -9.94 -14.31
C LYS A 326 13.54 -10.83 -13.28
N LEU A 327 12.76 -11.42 -12.36
CA LEU A 327 13.35 -12.11 -11.23
C LEU A 327 13.80 -13.54 -11.51
N VAL A 328 14.79 -13.96 -10.75
CA VAL A 328 15.33 -15.30 -10.87
C VAL A 328 14.64 -16.16 -9.82
N GLU A 329 13.88 -17.16 -10.21
CA GLU A 329 13.19 -18.00 -9.20
C GLU A 329 14.24 -18.86 -8.52
N PRO A 330 14.33 -18.82 -7.20
CA PRO A 330 15.37 -19.54 -6.49
C PRO A 330 15.19 -21.04 -6.53
N GLU A 331 16.28 -21.79 -6.37
CA GLU A 331 16.21 -23.25 -6.37
C GLU A 331 15.32 -23.84 -5.32
N TRP A 332 15.27 -23.31 -4.09
CA TRP A 332 14.42 -23.86 -3.04
C TRP A 332 12.95 -23.92 -3.42
N PHE A 333 12.46 -22.97 -4.24
CA PHE A 333 11.04 -22.95 -4.62
C PHE A 333 10.66 -24.06 -5.59
N LYS A 334 11.60 -24.55 -6.39
CA LYS A 334 11.36 -25.64 -7.31
C LYS A 334 11.42 -27.00 -6.62
N TRP A 335 12.07 -27.09 -5.45
CA TRP A 335 12.13 -28.34 -4.75
C TRP A 335 10.76 -28.86 -4.32
N SER A 336 10.79 -30.11 -3.86
CA SER A 336 9.62 -30.74 -3.28
C SER A 336 9.51 -30.16 -1.86
N GLN A 337 8.33 -30.20 -1.28
CA GLN A 337 8.18 -29.66 0.10
C GLN A 337 8.93 -30.54 1.08
N GLN A 338 8.95 -31.86 0.79
CA GLN A 338 9.71 -32.79 1.63
C GLN A 338 11.17 -32.38 1.68
N LYS A 339 11.75 -31.98 0.55
CA LYS A 339 13.15 -31.55 0.57
C LYS A 339 13.33 -30.24 1.33
N ARG A 340 12.39 -29.29 1.16
CA ARG A 340 12.41 -28.05 1.93
C ARG A 340 12.29 -28.36 3.43
N ASN A 341 11.40 -29.27 3.83
CA ASN A 341 11.27 -29.58 5.26
C ASN A 341 12.57 -30.14 5.85
N GLU A 342 13.22 -31.05 5.12
CA GLU A 342 14.47 -31.64 5.66
C GLU A 342 15.52 -30.59 5.90
N GLU A 343 15.71 -29.70 4.91
CA GLU A 343 16.67 -28.60 5.09
C GLU A 343 16.25 -27.68 6.22
N ALA A 344 14.97 -27.38 6.38
CA ALA A 344 14.52 -26.50 7.45
C ALA A 344 14.81 -27.09 8.81
N LYS A 345 14.45 -28.37 8.97
CA LYS A 345 14.71 -29.09 10.22
C LYS A 345 16.20 -29.14 10.52
N LYS A 346 17.01 -29.38 9.49
CA LYS A 346 18.47 -29.38 9.68
C LYS A 346 18.99 -28.06 10.21
N LEU A 347 18.57 -26.96 9.58
CA LEU A 347 18.97 -25.62 9.97
C LEU A 347 18.59 -25.25 11.39
N LEU A 348 17.36 -25.61 11.78
CA LEU A 348 16.91 -25.31 13.13
C LEU A 348 17.73 -26.13 14.15
N ALA A 349 18.04 -27.36 13.77
CA ALA A 349 18.85 -28.20 14.67
C ALA A 349 20.21 -27.55 14.83
N GLU A 350 20.78 -27.04 13.74
CA GLU A 350 22.06 -26.34 13.78
C GLU A 350 21.99 -25.11 14.67
N ALA A 351 20.85 -24.42 14.61
CA ALA A 351 20.62 -23.24 15.44
C ALA A 351 20.48 -23.55 16.93
N GLY A 352 20.44 -24.80 17.37
CA GLY A 352 20.37 -25.12 18.77
C GLY A 352 19.02 -25.55 19.29
N PHE A 353 18.01 -25.64 18.42
CA PHE A 353 16.70 -26.05 18.88
C PHE A 353 16.52 -27.56 18.88
N THR A 354 15.84 -28.06 19.90
CA THR A 354 15.60 -29.49 20.09
C THR A 354 14.17 -29.75 20.54
N ALA A 355 13.78 -31.02 20.69
CA ALA A 355 12.45 -31.32 21.22
C ALA A 355 12.27 -30.72 22.62
N ASP A 356 13.26 -30.81 23.50
CA ASP A 356 13.14 -30.28 24.86
C ASP A 356 13.27 -28.76 24.89
N LYS A 357 13.94 -28.14 23.92
CA LYS A 357 14.05 -26.69 23.88
C LYS A 357 13.62 -26.19 22.50
N PRO A 358 12.34 -26.33 22.16
CA PRO A 358 11.85 -25.98 20.82
C PRO A 358 11.79 -24.48 20.60
N LEU A 359 11.54 -24.07 19.37
CA LEU A 359 11.40 -22.66 19.01
C LEU A 359 9.92 -22.29 19.19
N THR A 360 9.66 -21.34 20.08
CA THR A 360 8.26 -20.93 20.34
C THR A 360 8.20 -19.41 20.15
N PHE A 361 7.25 -18.90 19.36
CA PHE A 361 7.25 -17.45 19.15
C PHE A 361 5.85 -16.95 18.75
N ASP A 362 5.67 -15.62 18.69
CA ASP A 362 4.37 -15.07 18.37
C ASP A 362 4.18 -14.76 16.89
N LEU A 363 2.92 -14.92 16.48
CA LEU A 363 2.56 -14.60 15.09
C LEU A 363 1.45 -13.55 15.21
N LEU A 364 1.83 -12.32 14.90
CA LEU A 364 0.93 -11.16 15.04
C LEU A 364 0.14 -10.92 13.77
N TYR A 365 -1.17 -10.65 13.81
CA TYR A 365 -1.90 -10.43 12.57
C TYR A 365 -2.97 -9.37 12.89
N ASN A 366 -3.41 -8.63 11.86
CA ASN A 366 -4.49 -7.68 12.15
C ASN A 366 -5.83 -8.40 12.02
N THR A 367 -6.77 -8.13 12.93
CA THR A 367 -8.08 -8.74 12.95
C THR A 367 -8.67 -8.95 11.60
N SER A 368 -9.03 -10.19 11.26
CA SER A 368 -9.51 -10.53 9.93
C SER A 368 -9.86 -12.01 9.84
N ASP A 369 -10.92 -12.34 9.11
CA ASP A 369 -11.20 -13.77 8.96
C ASP A 369 -10.11 -14.45 8.15
N LEU A 370 -9.75 -13.79 7.06
CA LEU A 370 -8.71 -14.27 6.18
C LEU A 370 -7.39 -14.46 6.94
N HIS A 371 -6.93 -13.42 7.64
CA HIS A 371 -5.64 -13.56 8.30
C HIS A 371 -5.64 -14.61 9.41
N LYS A 372 -6.72 -14.65 10.17
CA LYS A 372 -6.79 -15.62 11.25
C LYS A 372 -6.73 -17.05 10.69
N LYS A 373 -7.58 -17.37 9.72
CA LYS A 373 -7.59 -18.74 9.17
C LYS A 373 -6.26 -19.13 8.56
N LEU A 374 -5.62 -18.21 7.84
CA LEU A 374 -4.27 -18.46 7.29
C LEU A 374 -3.22 -18.58 8.39
N ALA A 375 -3.27 -17.79 9.47
CA ALA A 375 -2.29 -17.92 10.54
C ALA A 375 -2.48 -19.27 11.27
N ILE A 376 -3.72 -19.72 11.43
CA ILE A 376 -3.96 -21.04 12.06
C ILE A 376 -3.37 -22.16 11.21
N ALA A 377 -3.56 -22.10 9.89
CA ALA A 377 -3.03 -23.13 9.00
C ALA A 377 -1.51 -23.07 9.00
N VAL A 378 -0.95 -21.86 8.98
CA VAL A 378 0.49 -21.69 9.01
C VAL A 378 1.05 -22.18 10.34
N ALA A 379 0.36 -21.90 11.45
CA ALA A 379 0.83 -22.45 12.72
C ALA A 379 0.85 -23.98 12.69
N SER A 380 -0.15 -24.66 12.16
CA SER A 380 -0.24 -26.11 12.04
C SER A 380 0.83 -26.69 11.11
N ILE A 381 1.08 -26.01 10.01
CA ILE A 381 2.12 -26.41 9.05
C ILE A 381 3.49 -26.33 9.68
N TRP A 382 3.82 -25.23 10.37
CA TRP A 382 5.14 -25.09 10.97
C TRP A 382 5.32 -26.09 12.11
N LYS A 383 4.25 -26.33 12.86
CA LYS A 383 4.28 -27.30 13.96
C LYS A 383 4.55 -28.69 13.36
N LYS A 384 3.79 -29.06 12.35
CA LYS A 384 3.93 -30.39 11.75
C LYS A 384 5.23 -30.58 10.97
N ASN A 385 5.64 -29.55 10.23
CA ASN A 385 6.80 -29.69 9.36
C ASN A 385 8.11 -29.36 10.04
N LEU A 386 8.05 -28.51 11.06
CA LEU A 386 9.30 -28.07 11.67
C LEU A 386 9.32 -28.21 13.17
N GLY A 387 8.21 -28.59 13.82
CA GLY A 387 8.19 -28.72 15.27
C GLY A 387 8.22 -27.41 16.03
N VAL A 388 7.83 -26.29 15.40
CA VAL A 388 7.86 -25.00 16.11
C VAL A 388 6.46 -24.67 16.62
N ASN A 389 6.40 -24.02 17.76
CA ASN A 389 5.15 -23.64 18.42
C ASN A 389 4.93 -22.13 18.23
N VAL A 390 3.74 -21.75 17.83
CA VAL A 390 3.42 -20.36 17.54
C VAL A 390 2.23 -19.89 18.38
N ASN A 391 2.30 -18.69 18.96
CA ASN A 391 1.17 -18.14 19.69
C ASN A 391 0.59 -17.00 18.83
N LEU A 392 -0.64 -17.18 18.41
CA LEU A 392 -1.30 -16.18 17.58
C LEU A 392 -1.77 -15.01 18.43
N GLU A 393 -1.65 -13.82 17.84
CA GLU A 393 -2.11 -12.60 18.50
C GLU A 393 -2.74 -11.67 17.47
N ASN A 394 -3.96 -11.20 17.70
CA ASN A 394 -4.56 -10.28 16.73
C ASN A 394 -4.53 -8.88 17.33
N GLN A 395 -4.36 -7.87 16.47
CA GLN A 395 -4.48 -6.48 16.91
C GLN A 395 -5.29 -5.72 15.85
N GLU A 396 -5.97 -4.65 16.23
CA GLU A 396 -6.69 -3.87 15.21
C GLU A 396 -5.65 -3.15 14.36
N TRP A 397 -5.99 -2.82 13.12
CA TRP A 397 -5.05 -2.24 12.16
C TRP A 397 -4.10 -1.16 12.62
N LYS A 398 -4.61 -0.04 13.16
CA LYS A 398 -3.72 1.05 13.60
C LYS A 398 -2.72 0.58 14.65
N THR A 399 -3.19 -0.21 15.63
CA THR A 399 -2.25 -0.72 16.66
C THR A 399 -1.22 -1.65 16.04
N PHE A 400 -1.68 -2.53 15.18
CA PHE A 400 -0.83 -3.47 14.46
C PHE A 400 0.30 -2.78 13.73
N LEU A 401 0.01 -1.72 12.93
CA LEU A 401 1.13 -1.06 12.24
C LEU A 401 2.11 -0.43 13.23
N ASP A 402 1.60 0.17 14.31
CA ASP A 402 2.49 0.78 15.30
C ASP A 402 3.38 -0.29 15.95
N THR A 403 2.79 -1.44 16.26
CA THR A 403 3.59 -2.53 16.86
C THR A 403 4.76 -2.92 15.99
N ARG A 404 4.50 -3.08 14.69
CA ARG A 404 5.57 -3.47 13.76
C ARG A 404 6.67 -2.41 13.72
N HIS A 405 6.31 -1.13 13.71
CA HIS A 405 7.37 -0.10 13.71
C HIS A 405 8.16 -0.13 15.01
N GLN A 406 7.48 -0.41 16.12
CA GLN A 406 8.13 -0.50 17.43
C GLN A 406 9.19 -1.59 17.45
N GLY A 407 9.02 -2.62 16.62
CA GLY A 407 10.05 -3.59 16.41
C GLY A 407 10.63 -4.43 17.51
N THR A 408 9.76 -5.03 18.32
CA THR A 408 10.17 -5.95 19.36
C THR A 408 9.31 -7.22 19.21
N PHE A 409 8.51 -7.25 18.14
CA PHE A 409 7.63 -8.37 17.82
C PHE A 409 8.48 -9.52 17.27
N ASP A 410 7.84 -10.65 16.96
CA ASP A 410 8.58 -11.82 16.49
C ASP A 410 8.33 -11.99 14.99
N VAL A 411 7.13 -12.44 14.63
CA VAL A 411 6.74 -12.58 13.24
C VAL A 411 5.35 -11.94 13.07
N ALA A 412 5.12 -11.26 11.96
CA ALA A 412 3.84 -10.61 11.72
C ALA A 412 3.39 -10.87 10.29
N ARG A 413 2.08 -11.06 10.15
CA ARG A 413 1.42 -11.24 8.87
C ARG A 413 1.60 -9.90 8.16
N ALA A 414 2.02 -9.91 6.89
CA ALA A 414 2.27 -8.64 6.22
C ALA A 414 1.89 -8.69 4.75
N GLY A 415 1.61 -7.48 4.24
CA GLY A 415 1.24 -7.41 2.79
C GLY A 415 1.67 -6.02 2.33
N TRP A 416 2.53 -5.95 1.33
CA TRP A 416 2.92 -4.66 0.77
C TRP A 416 2.31 -4.53 -0.62
N CYS A 417 1.61 -3.44 -0.92
CA CYS A 417 1.09 -3.14 -2.24
C CYS A 417 1.90 -1.97 -2.84
N ALA A 418 2.23 -2.08 -4.13
CA ALA A 418 3.04 -1.04 -4.77
C ALA A 418 2.36 0.32 -4.66
N ASP A 419 3.20 1.37 -4.54
CA ASP A 419 2.71 2.74 -4.58
C ASP A 419 2.89 3.31 -5.99
N TYR A 420 3.82 2.74 -6.73
CA TYR A 420 4.04 3.08 -8.15
C TYR A 420 4.50 1.80 -8.82
N ASN A 421 4.25 1.61 -10.13
CA ASN A 421 4.60 0.32 -10.73
C ASN A 421 6.04 0.26 -11.21
N GLU A 422 6.93 -0.06 -10.32
CA GLU A 422 8.39 -0.14 -10.61
C GLU A 422 8.95 -0.89 -9.42
N PRO A 423 9.88 -1.79 -9.59
CA PRO A 423 10.44 -2.57 -8.50
C PRO A 423 10.92 -1.80 -7.30
N THR A 424 11.45 -0.58 -7.41
CA THR A 424 11.86 0.13 -6.18
C THR A 424 10.71 0.43 -5.26
N SER A 425 9.47 0.47 -5.74
CA SER A 425 8.33 0.71 -4.85
C SER A 425 8.29 -0.37 -3.77
N PHE A 426 8.73 -1.58 -4.11
CA PHE A 426 8.88 -2.61 -3.07
C PHE A 426 10.27 -2.56 -2.44
N LEU A 427 11.31 -2.57 -3.31
CA LEU A 427 12.69 -2.71 -2.82
C LEU A 427 13.20 -1.64 -1.89
N ASN A 428 12.72 -0.41 -2.10
CA ASN A 428 13.15 0.68 -1.21
C ASN A 428 12.70 0.56 0.22
N THR A 429 11.64 -0.21 0.48
CA THR A 429 11.13 -0.43 1.83
C THR A 429 12.04 -1.31 2.68
N MET A 430 12.97 -2.01 2.03
CA MET A 430 13.95 -2.83 2.75
C MET A 430 15.30 -2.13 2.90
N LEU A 431 15.45 -0.90 2.48
CA LEU A 431 16.66 -0.11 2.72
C LEU A 431 16.84 0.04 4.22
N SER A 432 18.07 0.05 4.68
CA SER A 432 18.38 0.11 6.12
C SER A 432 17.68 1.24 6.83
N ASP A 433 17.68 2.41 6.18
CA ASP A 433 17.06 3.57 6.81
C ASP A 433 15.66 3.93 6.32
N SER A 434 14.97 3.05 5.63
CA SER A 434 13.61 3.39 5.17
C SER A 434 12.64 3.52 6.32
N SER A 435 11.79 4.54 6.28
CA SER A 435 10.72 4.71 7.24
C SER A 435 9.66 3.61 7.11
N ASN A 436 9.62 2.87 6.01
CA ASN A 436 8.70 1.77 5.80
C ASN A 436 9.32 0.42 6.16
N ASN A 437 10.55 0.39 6.67
CA ASN A 437 11.21 -0.86 7.00
C ASN A 437 10.76 -1.40 8.36
N THR A 438 9.65 -2.14 8.32
CA THR A 438 9.12 -2.76 9.53
C THR A 438 9.72 -4.14 9.70
N ALA A 439 10.49 -4.62 8.71
CA ALA A 439 11.20 -5.89 8.90
C ALA A 439 12.42 -5.68 9.80
N HIS A 440 12.85 -4.43 9.95
CA HIS A 440 14.03 -4.03 10.69
C HIS A 440 15.25 -4.74 10.10
N TYR A 441 15.26 -4.81 8.78
CA TYR A 441 16.32 -5.46 8.00
C TYR A 441 17.36 -4.42 7.62
N LYS A 442 18.63 -4.77 7.83
CA LYS A 442 19.72 -3.82 7.52
C LYS A 442 20.87 -4.56 6.86
N SER A 443 20.94 -4.43 5.55
CA SER A 443 21.99 -5.07 4.75
C SER A 443 22.67 -4.04 3.87
N PRO A 444 23.92 -3.74 4.22
CA PRO A 444 24.76 -2.87 3.43
C PRO A 444 24.86 -3.39 2.00
N ALA A 445 24.94 -4.70 1.79
CA ALA A 445 25.02 -5.19 0.40
C ALA A 445 23.74 -4.86 -0.37
N PHE A 446 22.60 -5.05 0.33
CA PHE A 446 21.31 -4.79 -0.34
C PHE A 446 21.21 -3.31 -0.68
N ASP A 447 21.52 -2.47 0.29
CA ASP A 447 21.45 -1.02 0.10
C ASP A 447 22.27 -0.60 -1.12
N LYS A 448 23.48 -1.19 -1.25
CA LYS A 448 24.36 -0.82 -2.35
C LYS A 448 23.76 -1.22 -3.70
N LEU A 449 23.22 -2.43 -3.82
CA LEU A 449 22.54 -2.81 -5.05
C LEU A 449 21.49 -1.79 -5.45
N ILE A 450 20.61 -1.35 -4.53
CA ILE A 450 19.60 -0.37 -4.89
C ILE A 450 20.21 0.98 -5.25
N ALA A 451 21.23 1.42 -4.51
CA ALA A 451 21.88 2.71 -4.80
C ALA A 451 22.41 2.73 -6.24
N ASP A 452 22.98 1.61 -6.68
CA ASP A 452 23.51 1.49 -8.02
C ASP A 452 22.45 1.49 -9.11
N THR A 453 21.19 1.20 -8.82
CA THR A 453 20.16 1.19 -9.85
C THR A 453 20.02 2.53 -10.55
N LEU A 454 20.27 3.69 -9.92
CA LEU A 454 20.10 4.95 -10.66
C LEU A 454 21.44 5.50 -11.14
N LYS A 455 22.48 4.69 -11.03
CA LYS A 455 23.83 5.08 -11.47
C LYS A 455 24.16 4.46 -12.82
N VAL A 456 23.26 3.63 -13.31
CA VAL A 456 23.33 3.07 -14.66
C VAL A 456 22.21 3.82 -15.39
N ALA A 457 22.22 3.97 -16.68
CA ALA A 457 21.16 4.63 -17.43
C ALA A 457 20.61 3.62 -18.44
N ASP A 458 20.48 2.38 -17.98
CA ASP A 458 20.03 1.27 -18.87
C ASP A 458 19.06 0.39 -18.12
N ASP A 459 17.89 0.11 -18.72
CA ASP A 459 16.85 -0.71 -18.15
C ASP A 459 17.31 -2.13 -17.83
N THR A 460 18.11 -2.74 -18.68
CA THR A 460 18.58 -4.10 -18.48
C THR A 460 19.47 -4.18 -17.25
N GLN A 461 20.38 -3.20 -17.17
CA GLN A 461 21.30 -3.17 -16.02
C GLN A 461 20.48 -2.93 -14.76
N ARG A 462 19.50 -2.03 -14.81
CA ARG A 462 18.66 -1.75 -13.63
C ARG A 462 17.88 -2.99 -13.23
N SER A 463 17.28 -3.65 -14.22
CA SER A 463 16.52 -4.87 -13.96
C SER A 463 17.37 -5.97 -13.39
N GLU A 464 18.61 -6.12 -13.88
CA GLU A 464 19.49 -7.16 -13.34
C GLU A 464 19.86 -6.86 -11.88
N LEU A 465 20.00 -5.58 -11.56
CA LEU A 465 20.28 -5.15 -10.18
C LEU A 465 19.07 -5.44 -9.27
N TYR A 466 17.85 -5.14 -9.76
CA TYR A 466 16.67 -5.47 -8.93
C TYR A 466 16.60 -6.96 -8.68
N ALA A 467 16.92 -7.77 -9.72
CA ALA A 467 16.95 -9.21 -9.54
C ALA A 467 17.99 -9.62 -8.50
N LYS A 468 19.20 -9.04 -8.54
CA LYS A 468 20.22 -9.34 -7.54
C LYS A 468 19.79 -8.90 -6.14
N ALA A 469 19.05 -7.79 -6.07
CA ALA A 469 18.58 -7.29 -4.75
C ALA A 469 17.60 -8.29 -4.17
N GLU A 470 16.70 -8.84 -5.02
CA GLU A 470 15.76 -9.85 -4.52
C GLU A 470 16.57 -11.07 -4.09
N GLN A 471 17.61 -11.40 -4.87
CA GLN A 471 18.45 -12.54 -4.45
C GLN A 471 19.10 -12.26 -3.09
N GLN A 472 19.55 -11.03 -2.86
CA GLN A 472 20.17 -10.72 -1.57
C GLN A 472 19.19 -10.89 -0.42
N LEU A 473 17.95 -10.39 -0.63
CA LEU A 473 16.91 -10.54 0.41
C LEU A 473 16.64 -12.02 0.72
N ASP A 474 16.55 -12.83 -0.34
CA ASP A 474 16.26 -14.24 -0.29
C ASP A 474 17.38 -15.04 0.37
N LYS A 475 18.61 -14.69 0.04
CA LYS A 475 19.80 -15.30 0.65
C LYS A 475 19.81 -15.05 2.15
N ASP A 476 19.39 -13.87 2.55
CA ASP A 476 19.28 -13.50 3.96
C ASP A 476 17.98 -13.94 4.60
N SER A 477 17.03 -14.49 3.83
CA SER A 477 15.74 -14.87 4.35
C SER A 477 15.18 -13.73 5.19
N ALA A 478 15.13 -12.55 4.59
CA ALA A 478 14.59 -11.39 5.33
C ALA A 478 13.13 -11.61 5.65
N ILE A 479 12.38 -12.20 4.72
CA ILE A 479 10.96 -12.45 4.86
C ILE A 479 10.57 -13.87 4.50
N VAL A 480 9.30 -14.21 4.70
CA VAL A 480 8.77 -15.52 4.27
C VAL A 480 7.69 -15.21 3.25
N PRO A 481 8.01 -15.14 1.96
CA PRO A 481 7.02 -14.91 0.92
C PRO A 481 5.95 -15.96 0.96
N VAL A 482 4.67 -15.60 0.82
CA VAL A 482 3.62 -16.63 0.84
C VAL A 482 2.92 -16.66 -0.52
N TYR A 483 2.31 -15.55 -0.94
CA TYR A 483 1.63 -15.57 -2.25
C TYR A 483 1.52 -14.15 -2.81
N TYR A 484 1.37 -14.03 -4.13
CA TYR A 484 1.13 -12.72 -4.75
C TYR A 484 -0.39 -12.60 -4.79
N TYR A 485 -0.88 -11.43 -4.34
CA TYR A 485 -2.32 -11.28 -4.26
C TYR A 485 -2.95 -11.07 -5.64
N VAL A 486 -4.25 -11.39 -5.67
CA VAL A 486 -5.11 -11.03 -6.77
C VAL A 486 -6.08 -10.01 -6.15
N ASN A 487 -6.61 -9.10 -6.97
CA ASN A 487 -7.55 -8.14 -6.44
C ASN A 487 -8.97 -8.67 -6.63
N ALA A 488 -9.43 -9.39 -5.60
CA ALA A 488 -10.73 -10.03 -5.58
C ALA A 488 -11.74 -9.31 -4.69
N ARG A 489 -12.86 -8.89 -5.24
CA ARG A 489 -13.87 -8.18 -4.47
C ARG A 489 -15.22 -8.34 -5.16
N LEU A 490 -16.29 -8.04 -4.42
CA LEU A 490 -17.61 -8.10 -5.06
C LEU A 490 -18.02 -6.68 -5.40
N VAL A 491 -18.63 -6.53 -6.57
CA VAL A 491 -19.07 -5.20 -7.02
C VAL A 491 -20.46 -5.35 -7.61
N LYS A 492 -21.44 -4.65 -7.06
CA LYS A 492 -22.83 -4.80 -7.54
C LYS A 492 -22.89 -4.50 -9.01
N PRO A 493 -23.83 -5.12 -9.74
CA PRO A 493 -23.96 -4.96 -11.18
C PRO A 493 -24.24 -3.52 -11.59
N TRP A 494 -24.79 -2.73 -10.69
CA TRP A 494 -25.17 -1.35 -10.97
C TRP A 494 -24.01 -0.39 -10.72
N VAL A 495 -22.85 -0.89 -10.27
CA VAL A 495 -21.73 0.05 -10.08
C VAL A 495 -20.93 0.13 -11.38
N GLY A 496 -20.93 1.26 -12.07
CA GLY A 496 -20.18 1.38 -13.31
C GLY A 496 -18.85 2.12 -13.04
N GLY A 497 -17.89 1.93 -13.94
CA GLY A 497 -16.63 2.65 -13.88
C GLY A 497 -15.46 1.96 -13.21
N TYR A 498 -15.65 0.79 -12.62
CA TYR A 498 -14.59 0.02 -11.97
C TYR A 498 -14.08 -1.00 -13.00
N THR A 499 -12.95 -0.70 -13.64
CA THR A 499 -12.46 -1.55 -14.73
C THR A 499 -11.66 -2.74 -14.23
N GLY A 500 -11.01 -2.62 -13.08
CA GLY A 500 -10.12 -3.65 -12.55
C GLY A 500 -8.80 -3.69 -13.33
N LYS A 501 -8.55 -2.77 -14.24
CA LYS A 501 -7.35 -2.77 -15.05
C LYS A 501 -6.14 -2.18 -14.34
N ASP A 502 -6.34 -1.41 -13.30
CA ASP A 502 -5.23 -0.80 -12.56
C ASP A 502 -4.66 -1.79 -11.55
N PRO A 503 -3.44 -2.28 -11.75
CA PRO A 503 -2.81 -3.24 -10.85
C PRO A 503 -2.48 -2.66 -9.48
N LEU A 504 -2.56 -1.33 -9.36
CA LEU A 504 -2.40 -0.67 -8.08
C LEU A 504 -3.74 -0.46 -7.38
N ASP A 505 -4.87 -0.67 -8.05
CA ASP A 505 -6.20 -0.46 -7.44
C ASP A 505 -6.37 0.95 -6.89
N ASN A 506 -5.92 1.96 -7.64
CA ASN A 506 -6.04 3.36 -7.19
C ASN A 506 -7.42 3.87 -7.58
N ILE A 507 -8.45 3.41 -6.88
CA ILE A 507 -9.81 3.86 -7.25
C ILE A 507 -10.14 5.26 -6.77
N TYR A 508 -10.89 5.99 -7.60
CA TYR A 508 -11.39 7.31 -7.27
C TYR A 508 -12.92 7.23 -7.46
N VAL A 509 -13.66 7.53 -6.40
CA VAL A 509 -15.13 7.49 -6.45
C VAL A 509 -15.66 8.50 -7.44
N LYS A 510 -14.87 9.55 -7.79
CA LYS A 510 -15.28 10.50 -8.81
C LYS A 510 -15.43 9.88 -10.19
N ASN A 511 -14.83 8.71 -10.41
CA ASN A 511 -14.92 7.98 -11.66
C ASN A 511 -16.06 6.97 -11.74
N LEU A 512 -16.79 6.74 -10.66
CA LEU A 512 -17.83 5.74 -10.64
C LEU A 512 -19.24 6.33 -10.84
N TYR A 513 -20.20 5.45 -11.12
CA TYR A 513 -21.58 5.92 -11.32
C TYR A 513 -22.54 4.78 -11.02
N ILE A 514 -23.77 5.13 -10.66
CA ILE A 514 -24.76 4.11 -10.33
C ILE A 514 -25.79 4.01 -11.48
N ILE A 515 -25.88 2.82 -12.04
CA ILE A 515 -26.81 2.53 -13.13
C ILE A 515 -28.19 2.27 -12.56
N LYS A 516 -29.25 2.76 -13.22
CA LYS A 516 -30.58 2.52 -12.71
C LYS A 516 -30.84 1.02 -12.49
N HIS A 517 -31.38 0.66 -11.35
CA HIS A 517 -31.67 -0.76 -11.10
C HIS A 517 -32.83 -0.89 -10.12
N LYS B 1 2.31 0.70 0.06
CA LYS B 1 1.37 0.90 1.19
C LYS B 1 1.04 -0.45 1.83
N ALN B 2 0.87 -0.49 3.17
CA ALN B 2 0.57 -1.79 3.78
C ALN B 2 -0.88 -2.19 3.53
O ALN B 2 -1.83 -1.40 3.49
CB ALN B 2 0.80 -1.74 5.32
CG1 ALN B 2 2.25 -1.38 5.63
CD1 ALN B 2 2.43 -0.14 6.23
CE1 ALN B 2 3.72 0.30 6.54
CD2 ALN B 2 3.36 -2.20 5.38
CE2 ALN B 2 4.69 -1.83 5.66
CZ1 ALN B 2 4.80 -0.51 6.28
CG2 ALN B 2 3.20 -3.45 4.79
CD3 ALN B 2 4.19 -4.28 4.47
CE3 ALN B 2 5.52 -3.88 4.73
CZ2 ALN B 2 5.77 -2.67 5.35
N LYS B 3 -1.10 -3.51 3.36
CA LYS B 3 -2.43 -4.03 3.19
C LYS B 3 -2.67 -5.18 4.18
U U1 C . 6.44 0.63 -18.65
U U1 D . 10.41 5.50 -20.59
U U1 E . 14.49 4.87 -20.17
U U1 F . -15.20 -17.08 11.01
U U1 G . 7.55 -13.41 21.82
U U1 H . -35.28 -0.39 -7.77
U U1 I . -35.92 3.15 -5.74
U U1 J . -36.92 8.38 -8.00
#